data_3N5B
#
_entry.id   3N5B
#
_cell.length_a   70.645
_cell.length_b   70.645
_cell.length_c   88.544
_cell.angle_alpha   90.00
_cell.angle_beta   90.00
_cell.angle_gamma   120.00
#
_symmetry.space_group_name_H-M   'P 3 2 1'
#
loop_
_entity.id
_entity.type
_entity.pdbx_description
1 polymer 'Nitrogen regulatory protein P-II'
2 polymer 'Asr0485 protein'
3 non-polymer "ADENOSINE-5'-DIPHOSPHATE"
4 non-polymer 'SULFATE ION'
5 water water
#
loop_
_entity_poly.entity_id
_entity_poly.type
_entity_poly.pdbx_seq_one_letter_code
_entity_poly.pdbx_strand_id
1 'polypeptide(L)'
;MKKVEAIIRPFKLDEVKIALVNAGIVGMTVSEVRGFGRQKGQTERYRGSEYTVEFLQKLKVEIVVEDNQVDMVVDKIIAA
ARTGEIGDGKIFISPVEQVIRIRTGEKNTEAV
;
A
2 'polypeptide(L)'
;MGSSHHHHHHSSGLVPRGSHMNPENSETYINHPTWGLLYRICMVDESQDLFTTLYAQRLFFLVGNDIKAIKFQPIGRTEA
RMLLENRLRNLRRNGQSQEYDQLQSVFQRTFQ
;
B
#
# COMPACT_ATOMS: atom_id res chain seq x y z
N MET A 1 -14.33 -7.92 22.94
CA MET A 1 -13.33 -7.38 21.95
C MET A 1 -13.51 -8.05 20.61
N LYS A 2 -13.09 -7.33 19.54
CA LYS A 2 -13.31 -7.78 18.18
C LYS A 2 -12.02 -7.60 17.40
N LYS A 3 -11.79 -8.47 16.44
CA LYS A 3 -10.72 -8.29 15.47
C LYS A 3 -11.31 -7.61 14.26
N VAL A 4 -10.71 -6.53 13.84
CA VAL A 4 -11.04 -5.88 12.61
C VAL A 4 -9.91 -6.20 11.55
N GLU A 5 -10.33 -6.75 10.43
CA GLU A 5 -9.48 -7.25 9.39
C GLU A 5 -9.86 -6.62 8.06
N ALA A 6 -9.01 -5.74 7.58
CA ALA A 6 -9.23 -5.01 6.37
C ALA A 6 -8.26 -5.42 5.23
N ILE A 7 -8.80 -5.85 4.11
CA ILE A 7 -8.02 -6.12 2.94
C ILE A 7 -8.00 -4.84 2.09
N ILE A 8 -6.84 -4.22 1.93
CA ILE A 8 -6.75 -2.92 1.26
C ILE A 8 -5.71 -2.94 0.11
N ARG A 9 -5.76 -1.92 -0.73
CA ARG A 9 -4.70 -1.72 -1.73
C ARG A 9 -3.45 -1.37 -0.94
N PRO A 10 -2.29 -2.01 -1.28
CA PRO A 10 -1.11 -1.75 -0.43
C PRO A 10 -0.68 -0.29 -0.29
N PHE A 11 -0.80 0.50 -1.36
CA PHE A 11 -0.32 1.90 -1.29
C PHE A 11 -1.16 2.75 -0.29
N LYS A 12 -2.31 2.21 0.13
CA LYS A 12 -3.19 2.90 1.08
C LYS A 12 -2.70 2.70 2.52
N LEU A 13 -1.67 1.86 2.72
CA LEU A 13 -1.19 1.60 4.09
C LEU A 13 -0.95 2.88 4.92
N ASP A 14 -0.17 3.82 4.39
CA ASP A 14 0.13 5.03 5.15
C ASP A 14 -1.11 5.83 5.57
N GLU A 15 -2.05 6.01 4.65
CA GLU A 15 -3.28 6.70 4.94
C GLU A 15 -4.08 6.02 6.05
N VAL A 16 -4.16 4.69 6.00
CA VAL A 16 -4.93 3.90 6.96
C VAL A 16 -4.27 3.98 8.32
N LYS A 17 -2.95 3.84 8.32
CA LYS A 17 -2.16 3.91 9.53
C LYS A 17 -2.33 5.27 10.22
N ILE A 18 -2.25 6.35 9.43
CA ILE A 18 -2.40 7.69 9.99
C ILE A 18 -3.79 7.88 10.58
N ALA A 19 -4.80 7.41 9.86
CA ALA A 19 -6.18 7.49 10.32
C ALA A 19 -6.39 6.73 11.66
N LEU A 20 -5.88 5.51 11.75
CA LEU A 20 -5.98 4.74 12.99
C LEU A 20 -5.23 5.38 14.16
N VAL A 21 -3.97 5.76 13.94
CA VAL A 21 -3.19 6.46 14.95
C VAL A 21 -3.84 7.77 15.43
N ASN A 22 -4.37 8.55 14.48
CA ASN A 22 -5.12 9.73 14.83
C ASN A 22 -6.36 9.40 15.67
N ALA A 23 -6.94 8.23 15.46
CA ALA A 23 -8.13 7.79 16.23
C ALA A 23 -7.74 7.05 17.51
N GLY A 24 -6.48 7.22 17.93
CA GLY A 24 -5.92 6.56 19.10
C GLY A 24 -5.82 5.04 19.06
N ILE A 25 -5.77 4.46 17.85
CA ILE A 25 -5.52 3.04 17.70
C ILE A 25 -4.05 2.92 17.33
N VAL A 26 -3.26 2.50 18.32
CA VAL A 26 -1.82 2.67 18.23
C VAL A 26 -1.08 1.39 17.90
N GLY A 27 -1.78 0.26 17.76
CA GLY A 27 -1.13 -0.99 17.32
C GLY A 27 -1.90 -1.71 16.22
N MET A 28 -1.19 -2.31 15.29
CA MET A 28 -1.83 -3.04 14.21
C MET A 28 -0.81 -4.02 13.63
N THR A 29 -1.31 -5.04 12.97
CA THR A 29 -0.49 -6.05 12.28
C THR A 29 -0.83 -6.08 10.79
N VAL A 30 0.20 -6.12 9.94
CA VAL A 30 -0.03 -6.06 8.49
C VAL A 30 0.57 -7.30 7.83
N SER A 31 -0.22 -8.00 7.00
CA SER A 31 0.27 -9.17 6.25
C SER A 31 0.10 -8.89 4.76
N GLU A 32 0.94 -9.51 3.95
CA GLU A 32 0.77 -9.44 2.51
C GLU A 32 -0.09 -10.61 2.07
N VAL A 33 -1.09 -10.33 1.25
CA VAL A 33 -1.98 -11.35 0.72
C VAL A 33 -2.25 -11.10 -0.76
N ARG A 34 -2.76 -12.10 -1.46
CA ARG A 34 -3.17 -11.95 -2.82
C ARG A 34 -4.68 -12.08 -2.86
N GLY A 35 -5.35 -11.15 -3.53
CA GLY A 35 -6.82 -11.18 -3.65
C GLY A 35 -7.25 -11.65 -5.01
N PHE A 36 -8.33 -12.44 -5.05
CA PHE A 36 -8.98 -12.82 -6.30
C PHE A 36 -10.42 -12.34 -6.11
N GLY A 37 -10.96 -11.65 -7.11
CA GLY A 37 -12.34 -11.16 -7.03
C GLY A 37 -12.81 -10.53 -8.32
N ARG A 38 -13.68 -9.53 -8.18
CA ARG A 38 -14.25 -8.86 -9.35
C ARG A 38 -13.21 -8.02 -10.10
N GLN A 39 -12.27 -7.41 -9.37
CA GLN A 39 -11.20 -6.62 -9.99
C GLN A 39 -10.23 -7.53 -10.74
N LYS A 40 -10.02 -7.27 -12.01
CA LYS A 40 -9.05 -8.07 -12.75
C LYS A 40 -7.71 -7.35 -12.94
N GLY A 41 -6.66 -8.14 -13.12
CA GLY A 41 -5.34 -7.62 -13.47
C GLY A 41 -5.34 -7.21 -14.91
N GLN A 42 -4.47 -6.28 -15.28
CA GLN A 42 -4.34 -5.87 -16.67
C GLN A 42 -3.51 -6.92 -17.41
N THR A 43 -4.09 -7.46 -18.48
CA THR A 43 -3.44 -8.49 -19.28
C THR A 43 -2.17 -7.91 -19.89
N GLU A 44 -1.04 -8.14 -19.23
CA GLU A 44 0.18 -7.44 -19.56
C GLU A 44 1.03 -8.18 -20.58
N ARG A 45 2.23 -7.63 -20.79
CA ARG A 45 3.19 -8.10 -21.78
C ARG A 45 4.54 -8.12 -21.10
N TYR A 46 5.26 -9.22 -21.21
CA TYR A 46 6.61 -9.35 -20.63
C TYR A 46 7.69 -9.46 -21.74
N ARG A 47 8.05 -10.68 -22.17
CA ARG A 47 8.92 -10.86 -23.35
C ARG A 47 8.07 -10.89 -24.62
N GLY A 48 7.24 -9.88 -24.83
CA GLY A 48 6.30 -9.79 -25.96
C GLY A 48 5.22 -10.88 -25.99
N SER A 49 4.82 -11.33 -24.80
CA SER A 49 3.85 -12.42 -24.64
C SER A 49 2.76 -12.05 -23.64
N GLU A 50 1.54 -12.57 -23.84
CA GLU A 50 0.39 -12.26 -22.97
C GLU A 50 0.29 -13.14 -21.72
N TYR A 51 -0.29 -12.57 -20.68
CA TYR A 51 -0.46 -13.24 -19.39
C TYR A 51 -1.29 -12.30 -18.54
N THR A 52 -1.90 -12.84 -17.49
CA THR A 52 -2.69 -12.03 -16.58
C THR A 52 -2.31 -12.40 -15.16
N VAL A 53 -2.13 -11.38 -14.31
CA VAL A 53 -2.06 -11.62 -12.87
C VAL A 53 -3.49 -11.88 -12.40
N GLU A 54 -3.64 -13.07 -11.84
CA GLU A 54 -4.91 -13.60 -11.39
C GLU A 54 -5.13 -13.31 -9.89
N PHE A 55 -4.03 -13.28 -9.13
CA PHE A 55 -4.12 -13.06 -7.69
C PHE A 55 -3.31 -11.79 -7.41
N LEU A 56 -4.02 -10.72 -7.07
CA LEU A 56 -3.46 -9.35 -7.07
C LEU A 56 -2.96 -9.02 -5.71
N GLN A 57 -1.88 -8.23 -5.62
CA GLN A 57 -1.28 -7.95 -4.32
C GLN A 57 -2.18 -7.07 -3.48
N LYS A 58 -2.44 -7.48 -2.24
CA LYS A 58 -3.20 -6.67 -1.27
C LYS A 58 -2.43 -6.70 0.05
N LEU A 59 -2.88 -5.90 1.03
CA LEU A 59 -2.37 -6.03 2.39
C LEU A 59 -3.57 -6.31 3.27
N LYS A 60 -3.34 -7.12 4.29
CA LYS A 60 -4.40 -7.31 5.34
C LYS A 60 -3.92 -6.60 6.60
N VAL A 61 -4.74 -5.68 7.10
CA VAL A 61 -4.37 -4.93 8.29
C VAL A 61 -5.31 -5.48 9.36
N GLU A 62 -4.74 -5.91 10.47
CA GLU A 62 -5.56 -6.51 11.55
C GLU A 62 -5.40 -5.68 12.79
N ILE A 63 -6.51 -5.28 13.42
CA ILE A 63 -6.44 -4.58 14.66
C ILE A 63 -7.45 -5.25 15.60
N VAL A 64 -7.08 -5.45 16.85
CA VAL A 64 -8.04 -5.94 17.87
C VAL A 64 -8.44 -4.76 18.71
N VAL A 65 -9.76 -4.50 18.76
CA VAL A 65 -10.29 -3.31 19.45
C VAL A 65 -11.46 -3.69 20.38
N GLU A 66 -11.89 -2.74 21.23
CA GLU A 66 -13.06 -2.94 22.05
C GLU A 66 -14.30 -2.98 21.17
N ASP A 67 -15.31 -3.73 21.59
CA ASP A 67 -16.58 -3.78 20.89
C ASP A 67 -17.07 -2.38 20.47
N ASN A 68 -17.05 -1.41 21.39
CA ASN A 68 -17.56 -0.07 21.09
C ASN A 68 -16.64 0.84 20.24
N GLN A 69 -15.54 0.27 19.73
CA GLN A 69 -14.64 0.98 18.84
C GLN A 69 -14.78 0.53 17.38
N VAL A 70 -15.54 -0.54 17.15
CA VAL A 70 -15.59 -1.17 15.82
C VAL A 70 -16.11 -0.20 14.75
N ASP A 71 -17.28 0.40 15.00
CA ASP A 71 -17.85 1.32 14.03
C ASP A 71 -16.94 2.48 13.69
N MET A 72 -16.30 3.02 14.71
CA MET A 72 -15.35 4.13 14.56
C MET A 72 -14.12 3.72 13.71
N VAL A 73 -13.57 2.55 14.01
CA VAL A 73 -12.37 2.05 13.30
C VAL A 73 -12.74 1.71 11.85
N VAL A 74 -13.89 1.07 11.68
CA VAL A 74 -14.40 0.79 10.36
C VAL A 74 -14.55 2.07 9.51
N ASP A 75 -15.22 3.09 10.04
CA ASP A 75 -15.42 4.37 9.35
C ASP A 75 -14.08 4.99 8.93
N LYS A 76 -13.09 4.92 9.82
CA LYS A 76 -11.77 5.54 9.57
C LYS A 76 -11.05 4.81 8.46
N ILE A 77 -11.04 3.48 8.53
CA ILE A 77 -10.42 2.62 7.50
C ILE A 77 -11.07 2.86 6.13
N ILE A 78 -12.41 2.81 6.09
CA ILE A 78 -13.14 3.05 4.85
C ILE A 78 -12.76 4.40 4.20
N ALA A 79 -12.80 5.49 4.96
CA ALA A 79 -12.48 6.80 4.39
C ALA A 79 -11.02 6.89 3.87
N ALA A 80 -10.09 6.26 4.60
CA ALA A 80 -8.68 6.25 4.23
C ALA A 80 -8.36 5.33 3.04
N ALA A 81 -9.02 4.17 2.96
CA ALA A 81 -8.70 3.12 1.98
C ALA A 81 -9.48 3.15 0.67
N ARG A 82 -10.64 3.79 0.65
CA ARG A 82 -11.46 3.76 -0.56
C ARG A 82 -10.87 4.59 -1.71
N THR A 83 -11.16 4.16 -2.93
CA THR A 83 -10.83 4.91 -4.14
C THR A 83 -12.03 5.04 -5.05
N GLY A 84 -13.03 4.20 -4.83
CA GLY A 84 -14.24 4.23 -5.65
C GLY A 84 -14.18 3.25 -6.81
N GLU A 85 -13.03 2.58 -6.96
CA GLU A 85 -12.90 1.61 -8.03
C GLU A 85 -13.01 0.23 -7.43
N ILE A 86 -13.53 -0.71 -8.22
CA ILE A 86 -13.61 -2.11 -7.81
C ILE A 86 -12.22 -2.61 -7.44
N GLY A 87 -12.12 -3.34 -6.33
CA GLY A 87 -10.82 -3.81 -5.82
C GLY A 87 -10.40 -3.09 -4.56
N ASP A 88 -11.24 -2.18 -4.05
CA ASP A 88 -10.90 -1.44 -2.82
C ASP A 88 -10.77 -2.33 -1.59
N GLY A 89 -11.46 -3.47 -1.59
CA GLY A 89 -11.26 -4.47 -0.54
C GLY A 89 -12.45 -4.55 0.41
N LYS A 90 -12.24 -5.28 1.51
CA LYS A 90 -13.36 -5.61 2.42
C LYS A 90 -12.86 -5.51 3.86
N ILE A 91 -13.81 -5.39 4.79
CA ILE A 91 -13.45 -5.42 6.18
C ILE A 91 -14.28 -6.55 6.82
N PHE A 92 -13.62 -7.40 7.60
CA PHE A 92 -14.29 -8.51 8.30
C PHE A 92 -14.18 -8.33 9.81
N ILE A 93 -15.29 -8.50 10.52
CA ILE A 93 -15.30 -8.38 11.97
C ILE A 93 -15.56 -9.75 12.56
N SER A 94 -14.71 -10.14 13.51
CA SER A 94 -14.85 -11.44 14.17
C SER A 94 -14.55 -11.32 15.65
N PRO A 95 -15.02 -12.28 16.47
CA PRO A 95 -14.83 -12.18 17.92
C PRO A 95 -13.43 -12.57 18.38
N VAL A 96 -12.95 -11.85 19.37
CA VAL A 96 -11.73 -12.17 20.08
C VAL A 96 -12.09 -12.37 21.55
N GLU A 97 -11.83 -13.57 22.05
CA GLU A 97 -12.24 -13.91 23.41
C GLU A 97 -11.25 -13.52 24.50
N GLN A 98 -9.96 -13.41 24.14
CA GLN A 98 -8.94 -13.04 25.12
C GLN A 98 -7.75 -12.46 24.39
N VAL A 99 -7.10 -11.51 25.05
CA VAL A 99 -5.83 -10.95 24.55
C VAL A 99 -4.87 -11.05 25.73
N ILE A 100 -3.61 -11.43 25.45
CA ILE A 100 -2.58 -11.49 26.46
C ILE A 100 -1.36 -10.77 25.93
N ARG A 101 -0.79 -9.88 26.75
CA ARG A 101 0.45 -9.22 26.37
C ARG A 101 1.59 -10.12 26.81
N ILE A 102 2.46 -10.48 25.88
CA ILE A 102 3.49 -11.48 26.14
C ILE A 102 4.50 -10.99 27.17
N ARG A 103 4.86 -9.72 27.10
CA ARG A 103 5.89 -9.15 27.98
C ARG A 103 5.48 -9.20 29.47
N THR A 104 4.19 -9.00 29.71
CA THR A 104 3.70 -8.85 31.08
C THR A 104 2.77 -9.96 31.53
N GLY A 105 2.03 -10.57 30.61
CA GLY A 105 0.94 -11.48 31.00
C GLY A 105 -0.36 -10.71 31.23
N GLU A 106 -0.35 -9.40 30.95
CA GLU A 106 -1.55 -8.54 31.04
C GLU A 106 -2.63 -9.02 30.07
N LYS A 107 -3.90 -8.89 30.47
CA LYS A 107 -4.99 -9.40 29.64
C LYS A 107 -6.03 -8.37 29.18
N ASN A 108 -6.69 -8.71 28.07
CA ASN A 108 -7.81 -7.95 27.55
C ASN A 108 -7.49 -6.48 27.33
N THR A 109 -8.42 -5.62 27.73
CA THR A 109 -8.26 -4.18 27.52
C THR A 109 -6.85 -3.70 27.91
N GLU A 110 -6.24 -4.34 28.90
CA GLU A 110 -4.92 -3.94 29.34
C GLU A 110 -3.79 -4.53 28.48
N ALA A 111 -4.15 -5.31 27.48
CA ALA A 111 -3.12 -5.93 26.66
C ALA A 111 -3.01 -5.27 25.29
N VAL A 112 -3.84 -4.29 25.01
CA VAL A 112 -3.88 -3.63 23.71
C VAL A 112 -3.83 -2.10 23.84
N SER B 26 -2.04 1.97 -12.84
CA SER B 26 -1.86 0.49 -12.63
C SER B 26 -0.89 0.21 -11.50
N GLU B 27 -1.43 -0.32 -10.39
CA GLU B 27 -0.62 -0.57 -9.18
C GLU B 27 0.37 -1.67 -9.42
N THR B 28 1.61 -1.33 -9.15
CA THR B 28 2.70 -2.23 -9.34
C THR B 28 3.52 -2.28 -8.06
N TYR B 29 3.82 -3.49 -7.62
CA TYR B 29 4.59 -3.73 -6.40
C TYR B 29 5.74 -4.68 -6.69
N ILE B 30 6.79 -4.63 -5.88
CA ILE B 30 7.76 -5.71 -5.90
C ILE B 30 8.28 -5.88 -4.52
N ASN B 31 8.87 -7.03 -4.24
CA ASN B 31 9.45 -7.24 -2.93
C ASN B 31 10.96 -7.09 -2.84
N HIS B 32 11.39 -6.25 -1.92
CA HIS B 32 12.83 -6.07 -1.66
C HIS B 32 13.22 -7.06 -0.54
N PRO B 33 14.32 -7.85 -0.71
CA PRO B 33 14.66 -8.83 0.36
C PRO B 33 14.83 -8.27 1.77
N THR B 34 15.30 -7.02 1.90
CA THR B 34 15.50 -6.37 3.22
C THR B 34 14.27 -5.57 3.61
N TRP B 35 13.88 -4.67 2.71
CA TRP B 35 12.91 -3.67 3.09
C TRP B 35 11.44 -4.13 2.93
N GLY B 36 11.24 -5.26 2.24
CA GLY B 36 9.91 -5.79 2.02
C GLY B 36 9.16 -5.12 0.88
N LEU B 37 7.86 -4.94 1.02
CA LEU B 37 7.06 -4.55 -0.15
C LEU B 37 7.30 -3.12 -0.62
N LEU B 38 7.56 -2.98 -1.92
CA LEU B 38 7.74 -1.66 -2.54
C LEU B 38 6.64 -1.33 -3.52
N TYR B 39 6.34 -0.05 -3.65
CA TYR B 39 5.27 0.41 -4.49
C TYR B 39 5.83 1.30 -5.59
N ARG B 40 5.44 1.04 -6.83
CA ARG B 40 5.92 1.86 -7.94
C ARG B 40 5.26 3.26 -7.90
N ILE B 41 6.09 4.27 -7.71
CA ILE B 41 5.57 5.65 -7.67
C ILE B 41 5.60 6.27 -9.05
N CYS B 42 6.51 5.79 -9.90
CA CYS B 42 6.40 6.11 -11.30
C CYS B 42 7.18 5.23 -12.26
N MET B 43 6.67 5.20 -13.47
CA MET B 43 7.26 4.46 -14.54
C MET B 43 8.21 5.43 -15.26
N VAL B 44 9.51 5.26 -15.03
CA VAL B 44 10.52 6.18 -15.56
C VAL B 44 10.60 6.09 -17.12
N ASP B 45 10.63 4.87 -17.62
CA ASP B 45 10.56 4.60 -19.06
C ASP B 45 10.19 3.14 -19.27
N GLU B 46 10.34 2.68 -20.51
CA GLU B 46 10.00 1.29 -20.86
C GLU B 46 10.77 0.26 -20.02
N SER B 47 12.05 0.51 -19.73
CA SER B 47 12.90 -0.47 -19.04
C SER B 47 13.05 -0.27 -17.51
N GLN B 48 12.47 0.80 -16.97
CA GLN B 48 12.88 1.31 -15.64
C GLN B 48 11.73 1.89 -14.80
N ASP B 49 11.63 1.48 -13.53
CA ASP B 49 10.61 1.97 -12.60
C ASP B 49 11.23 2.57 -11.32
N LEU B 50 10.58 3.59 -10.76
CA LEU B 50 10.97 4.15 -9.48
C LEU B 50 9.98 3.63 -8.41
N PHE B 51 10.53 3.01 -7.36
CA PHE B 51 9.78 2.39 -6.27
C PHE B 51 10.10 3.08 -4.94
N THR B 52 9.13 3.05 -4.03
CA THR B 52 9.38 3.47 -2.66
C THR B 52 8.99 2.35 -1.65
N THR B 53 9.59 2.36 -0.46
CA THR B 53 9.24 1.40 0.61
C THR B 53 7.89 1.71 1.24
N LEU B 54 7.03 0.70 1.38
CA LEU B 54 5.82 0.84 2.17
C LEU B 54 6.02 0.67 3.69
N TYR B 55 7.04 -0.07 4.11
CA TYR B 55 7.22 -0.34 5.54
C TYR B 55 8.27 0.51 6.23
N ALA B 56 9.07 1.23 5.45
CA ALA B 56 10.11 2.12 5.99
C ALA B 56 9.82 3.50 5.50
N GLN B 57 10.18 4.50 6.29
CA GLN B 57 9.91 5.87 5.98
C GLN B 57 11.28 6.58 5.85
N ARG B 58 11.81 6.82 4.64
CA ARG B 58 11.25 6.42 3.37
C ARG B 58 12.44 6.20 2.42
N LEU B 59 12.54 5.01 1.81
CA LEU B 59 13.61 4.73 0.85
C LEU B 59 13.07 4.65 -0.56
N PHE B 60 13.94 4.91 -1.54
CA PHE B 60 13.58 4.87 -2.94
C PHE B 60 14.56 4.01 -3.71
N PHE B 61 14.05 3.30 -4.71
CA PHE B 61 14.86 2.44 -5.57
C PHE B 61 14.45 2.54 -7.01
N LEU B 62 15.46 2.61 -7.88
CA LEU B 62 15.27 2.47 -9.31
C LEU B 62 15.48 1.00 -9.66
N VAL B 63 14.53 0.44 -10.39
CA VAL B 63 14.58 -0.99 -10.75
C VAL B 63 14.39 -1.17 -12.25
N GLY B 64 15.30 -1.91 -12.88
CA GLY B 64 15.18 -2.29 -14.28
C GLY B 64 14.15 -3.37 -14.53
N ASN B 65 13.34 -3.17 -15.57
CA ASN B 65 12.41 -4.18 -16.11
C ASN B 65 13.11 -5.32 -16.83
N ASP B 66 14.11 -4.97 -17.61
CA ASP B 66 14.68 -5.86 -18.60
C ASP B 66 15.98 -6.46 -18.07
N ILE B 67 15.89 -7.16 -16.94
CA ILE B 67 17.08 -7.74 -16.27
C ILE B 67 16.74 -9.02 -15.44
N LYS B 68 17.52 -10.07 -15.69
CA LYS B 68 17.27 -11.41 -15.11
C LYS B 68 17.59 -11.48 -13.61
N ALA B 69 18.64 -10.77 -13.22
CA ALA B 69 18.95 -10.55 -11.83
C ALA B 69 18.31 -9.22 -11.51
N ILE B 70 17.52 -9.18 -10.47
CA ILE B 70 16.88 -7.92 -10.12
C ILE B 70 17.87 -7.11 -9.26
N LYS B 71 18.12 -5.88 -9.69
CA LYS B 71 19.00 -5.00 -8.95
C LYS B 71 18.20 -3.83 -8.47
N PHE B 72 18.44 -3.44 -7.23
CA PHE B 72 17.75 -2.30 -6.65
C PHE B 72 18.77 -1.18 -6.53
N GLN B 73 18.68 -0.19 -7.41
CA GLN B 73 19.56 0.99 -7.35
C GLN B 73 18.95 2.03 -6.39
N PRO B 74 19.60 2.28 -5.25
CA PRO B 74 19.11 3.31 -4.33
C PRO B 74 19.12 4.70 -4.99
N ILE B 75 18.10 5.49 -4.67
CA ILE B 75 17.87 6.83 -5.21
C ILE B 75 17.63 7.69 -3.97
N GLY B 76 18.28 8.87 -3.90
CA GLY B 76 18.11 9.73 -2.73
C GLY B 76 16.74 10.39 -2.71
N ARG B 77 16.29 10.76 -1.51
CA ARG B 77 14.96 11.38 -1.33
C ARG B 77 14.83 12.70 -2.10
N THR B 78 15.85 13.55 -2.02
CA THR B 78 15.88 14.82 -2.77
C THR B 78 15.70 14.60 -4.26
N GLU B 79 16.47 13.67 -4.80
CA GLU B 79 16.42 13.34 -6.20
C GLU B 79 15.11 12.74 -6.61
N ALA B 80 14.60 11.81 -5.78
CA ALA B 80 13.29 11.23 -6.04
C ALA B 80 12.25 12.33 -6.22
N ARG B 81 12.24 13.30 -5.31
CA ARG B 81 11.26 14.39 -5.35
C ARG B 81 11.35 15.17 -6.68
N MET B 82 12.58 15.50 -7.06
CA MET B 82 12.84 16.29 -8.25
C MET B 82 12.42 15.55 -9.49
N LEU B 83 12.67 14.23 -9.50
CA LEU B 83 12.31 13.42 -10.65
C LEU B 83 10.79 13.40 -10.88
N LEU B 84 10.04 13.24 -9.79
CA LEU B 84 8.58 13.28 -9.87
C LEU B 84 8.04 14.65 -10.30
N GLU B 85 8.58 15.72 -9.73
CA GLU B 85 8.22 17.07 -10.16
C GLU B 85 8.45 17.26 -11.65
N ASN B 86 9.58 16.77 -12.16
CA ASN B 86 9.85 16.88 -13.59
C ASN B 86 8.76 16.16 -14.42
N ARG B 87 8.37 14.97 -13.97
CA ARG B 87 7.37 14.17 -14.69
C ARG B 87 6.01 14.85 -14.63
N LEU B 88 5.67 15.38 -13.45
CA LEU B 88 4.43 16.15 -13.26
C LEU B 88 4.35 17.28 -14.28
N ARG B 89 5.43 18.05 -14.38
CA ARG B 89 5.47 19.14 -15.33
C ARG B 89 5.31 18.66 -16.78
N ASN B 90 5.96 17.56 -17.16
CA ASN B 90 5.80 17.02 -18.53
C ASN B 90 4.37 16.52 -18.83
N LEU B 91 3.74 15.88 -17.83
CA LEU B 91 2.35 15.40 -17.98
C LEU B 91 1.33 16.53 -18.21
N ARG B 92 1.47 17.63 -17.46
CA ARG B 92 0.56 18.76 -17.67
C ARG B 92 0.81 19.49 -19.01
N ARG B 93 2.07 19.57 -19.45
CA ARG B 93 2.41 20.13 -20.76
C ARG B 93 1.81 19.29 -21.89
N ASN B 94 1.79 17.98 -21.68
CA ASN B 94 1.21 17.03 -22.65
C ASN B 94 -0.30 16.90 -22.56
N GLY B 95 -0.87 17.46 -21.49
CA GLY B 95 -2.31 17.43 -21.27
C GLY B 95 -2.78 16.04 -20.86
N GLN B 96 -1.85 15.27 -20.32
CA GLN B 96 -2.13 13.94 -19.76
C GLN B 96 -2.73 14.09 -18.37
N SER B 97 -3.94 14.61 -18.30
CA SER B 97 -4.50 15.13 -17.06
C SER B 97 -4.88 14.06 -16.02
N GLN B 98 -5.34 12.89 -16.50
CA GLN B 98 -5.64 11.75 -15.63
C GLN B 98 -4.33 11.23 -14.99
N GLU B 99 -3.35 10.98 -15.84
CA GLU B 99 -2.03 10.53 -15.38
C GLU B 99 -1.41 11.59 -14.46
N TYR B 100 -1.60 12.88 -14.76
CA TYR B 100 -1.14 13.97 -13.89
C TYR B 100 -1.84 13.90 -12.52
N ASP B 101 -3.16 13.85 -12.53
CA ASP B 101 -3.93 13.80 -11.28
C ASP B 101 -3.51 12.63 -10.38
N GLN B 102 -3.35 11.44 -10.97
CA GLN B 102 -2.94 10.25 -10.24
C GLN B 102 -1.53 10.40 -9.68
N LEU B 103 -0.59 10.85 -10.51
CA LEU B 103 0.78 11.08 -10.03
C LEU B 103 0.85 12.18 -8.97
N GLN B 104 0.07 13.23 -9.14
CA GLN B 104 -0.03 14.30 -8.15
C GLN B 104 -0.42 13.78 -6.77
N SER B 105 -1.39 12.88 -6.73
CA SER B 105 -1.83 12.32 -5.46
C SER B 105 -0.74 11.44 -4.85
N VAL B 106 -0.07 10.62 -5.68
CA VAL B 106 1.11 9.84 -5.24
C VAL B 106 2.14 10.80 -4.64
N PHE B 107 2.46 11.87 -5.38
CA PHE B 107 3.45 12.85 -4.94
C PHE B 107 3.09 13.46 -3.58
N GLN B 108 1.86 13.93 -3.45
CA GLN B 108 1.39 14.51 -2.22
C GLN B 108 1.49 13.51 -1.06
N ARG B 109 1.06 12.27 -1.30
CA ARG B 109 1.14 11.23 -0.26
C ARG B 109 2.59 10.93 0.18
N THR B 110 3.50 10.93 -0.79
CA THR B 110 4.87 10.48 -0.57
C THR B 110 5.77 11.60 0.01
N PHE B 111 5.60 12.83 -0.47
CA PHE B 111 6.53 13.90 -0.11
C PHE B 111 5.94 15.01 0.76
#